data_4ML9
#
_entry.id   4ML9
#
_cell.length_a   127.475
_cell.length_b   127.475
_cell.length_c   91.013
_cell.angle_alpha   90.00
_cell.angle_beta   90.00
_cell.angle_gamma   90.00
#
_symmetry.space_group_name_H-M   'P 43 21 2'
#
loop_
_entity.id
_entity.type
_entity.pdbx_description
1 polymer 'Uncharacterized protein'
2 non-polymer 'MAGNESIUM ION'
3 non-polymer 1,2-ETHANEDIOL
4 non-polymer DI(HYDROXYETHYL)ETHER
5 non-polymer GLYCEROL
6 water water
#
_entity_poly.entity_id   1
_entity_poly.type   'polypeptide(L)'
_entity_poly.pdbx_seq_one_letter_code
;SNA(MSE)ILGDSEQKRRKALKKVLDAVEEHGGTTILSTGITGDDARIARAAVAGGARLLEPNHPAVALARGHKGVIT
(MSE)HAAEQVRHEIPLDE(MSE)LKVTQGVRNVVGEDIYITVGVPGGFTEILPLELKEEDFFKIA(MSE)SGADGVHIH
KSTLEDLKDVVKYAHKYGLLVDAYIGHPDDLHTFGISARTPEEVAEAAKE(MSE)EKIGVD(MSE)IGL(MSE)TG
(MSE)SYEGTAAGEIHPVIKERLSALVSSVKVPTLAEGGINDTNYVAFKDTGVNILVIGTSIDNVVSEAATNVVKKFLSL
KKQA
;
_entity_poly.pdbx_strand_id   A,B
#
# COMPACT_ATOMS: atom_id res chain seq x y z
N ASN A 2 -13.49 32.90 17.06
CA ASN A 2 -12.19 32.54 16.49
C ASN A 2 -11.66 33.59 15.52
N ALA A 3 -10.81 34.48 16.05
CA ALA A 3 -10.32 35.64 15.31
C ALA A 3 -9.83 35.38 13.89
N ILE A 5 -10.63 33.91 11.19
CA ILE A 5 -10.84 32.72 10.36
C ILE A 5 -12.22 32.11 10.53
N LEU A 6 -13.19 32.91 10.97
CA LEU A 6 -14.54 32.41 11.13
C LEU A 6 -15.11 31.98 9.77
N GLY A 7 -15.03 32.87 8.78
CA GLY A 7 -15.59 32.56 7.47
C GLY A 7 -14.80 31.46 6.79
N ASP A 8 -13.48 31.49 6.97
CA ASP A 8 -12.61 30.49 6.35
C ASP A 8 -13.01 29.09 6.82
N SER A 9 -13.20 28.93 8.12
N SER A 9 -13.26 28.94 8.12
CA SER A 9 -13.56 27.63 8.69
CA SER A 9 -13.64 27.66 8.67
C SER A 9 -14.96 27.21 8.29
C SER A 9 -15.07 27.25 8.28
N GLU A 10 -15.88 28.17 8.33
N GLU A 10 -16.00 28.21 8.31
CA GLU A 10 -17.27 27.91 7.96
CA GLU A 10 -17.38 27.94 7.92
C GLU A 10 -17.42 27.43 6.53
C GLU A 10 -17.42 27.40 6.51
N GLN A 11 -16.76 28.10 5.59
CA GLN A 11 -16.79 27.67 4.18
C GLN A 11 -16.19 26.28 4.03
N LYS A 12 -15.05 26.03 4.66
CA LYS A 12 -14.42 24.72 4.55
C LYS A 12 -15.36 23.64 5.05
N ARG A 13 -15.99 23.87 6.20
CA ARG A 13 -16.87 22.86 6.77
C ARG A 13 -18.12 22.64 5.91
N ARG A 14 -18.65 23.72 5.35
N ARG A 14 -18.65 23.72 5.34
CA ARG A 14 -19.81 23.63 4.46
CA ARG A 14 -19.82 23.61 4.48
C ARG A 14 -19.49 22.75 3.27
C ARG A 14 -19.54 22.81 3.21
N LYS A 15 -18.38 23.05 2.60
CA LYS A 15 -18.00 22.31 1.40
C LYS A 15 -17.75 20.85 1.70
N ALA A 16 -17.18 20.57 2.88
CA ALA A 16 -16.89 19.19 3.29
C ALA A 16 -18.18 18.44 3.51
N LEU A 17 -19.14 19.06 4.19
CA LEU A 17 -20.38 18.35 4.43
C LEU A 17 -21.12 18.09 3.11
N LYS A 18 -21.02 19.03 2.17
CA LYS A 18 -21.65 18.84 0.87
C LYS A 18 -21.12 17.60 0.17
N LYS A 19 -19.83 17.29 0.34
CA LYS A 19 -19.27 16.07 -0.24
C LYS A 19 -20.00 14.85 0.29
N VAL A 20 -20.24 14.85 1.61
CA VAL A 20 -20.92 13.72 2.23
C VAL A 20 -22.37 13.63 1.76
N LEU A 21 -23.08 14.75 1.76
CA LEU A 21 -24.49 14.71 1.36
C LEU A 21 -24.63 14.37 -0.12
N ASP A 22 -23.70 14.85 -0.94
CA ASP A 22 -23.71 14.51 -2.36
C ASP A 22 -23.51 13.01 -2.56
N ALA A 23 -22.60 12.40 -1.79
CA ALA A 23 -22.33 10.96 -1.91
C ALA A 23 -23.53 10.15 -1.48
N VAL A 24 -24.16 10.56 -0.38
CA VAL A 24 -25.34 9.87 0.12
C VAL A 24 -26.45 9.85 -0.95
N GLU A 25 -26.64 10.99 -1.62
N GLU A 25 -26.68 10.97 -1.63
CA GLU A 25 -27.64 11.13 -2.68
CA GLU A 25 -27.72 11.00 -2.67
C GLU A 25 -27.26 10.31 -3.91
C GLU A 25 -27.29 10.29 -3.95
N GLU A 26 -26.02 10.43 -4.33
CA GLU A 26 -25.50 9.75 -5.52
C GLU A 26 -25.72 8.25 -5.42
N HIS A 27 -25.61 7.73 -4.20
CA HIS A 27 -25.68 6.29 -3.97
C HIS A 27 -27.01 5.80 -3.40
N GLY A 28 -28.06 6.61 -3.52
CA GLY A 28 -29.41 6.14 -3.23
C GLY A 28 -29.85 6.21 -1.78
N GLY A 29 -29.13 6.95 -0.95
CA GLY A 29 -29.54 7.15 0.43
C GLY A 29 -28.55 6.56 1.42
N THR A 30 -27.67 5.68 0.94
CA THR A 30 -26.61 5.10 1.77
C THR A 30 -25.33 5.04 0.96
N THR A 31 -24.24 5.57 1.52
CA THR A 31 -22.95 5.47 0.83
C THR A 31 -21.97 4.73 1.74
N ILE A 32 -20.70 4.61 1.34
CA ILE A 32 -19.76 3.93 2.22
C ILE A 32 -18.61 4.83 2.63
N LEU A 33 -18.08 4.58 3.83
CA LEU A 33 -16.82 5.19 4.25
C LEU A 33 -15.82 4.07 4.12
N SER A 34 -15.02 4.15 3.06
CA SER A 34 -14.10 3.07 2.70
C SER A 34 -12.82 3.22 3.53
N THR A 35 -12.43 2.17 4.24
CA THR A 35 -11.28 2.30 5.13
C THR A 35 -10.33 1.12 4.94
N GLY A 36 -9.57 0.76 5.97
CA GLY A 36 -8.53 -0.24 5.78
C GLY A 36 -7.53 0.23 4.73
N ILE A 37 -7.04 -0.69 3.91
CA ILE A 37 -6.06 -0.34 2.90
C ILE A 37 -6.55 0.72 1.91
N THR A 38 -7.85 0.82 1.68
CA THR A 38 -8.34 1.86 0.75
C THR A 38 -8.20 3.25 1.36
N GLY A 39 -7.98 3.31 2.67
CA GLY A 39 -7.87 4.60 3.33
C GLY A 39 -6.45 5.14 3.34
N ASP A 40 -5.45 4.26 3.39
CA ASP A 40 -4.08 4.73 3.57
C ASP A 40 -3.11 4.52 2.40
N ASP A 41 -3.42 3.59 1.50
CA ASP A 41 -2.52 3.38 0.39
C ASP A 41 -3.07 4.13 -0.80
N ALA A 42 -2.27 5.02 -1.40
CA ALA A 42 -2.80 5.89 -2.44
C ALA A 42 -3.22 5.12 -3.70
N ARG A 43 -2.54 4.00 -3.98
CA ARG A 43 -2.92 3.18 -5.14
C ARG A 43 -4.31 2.60 -4.93
N ILE A 44 -4.54 2.08 -3.72
CA ILE A 44 -5.79 1.38 -3.48
C ILE A 44 -6.90 2.38 -3.18
N ALA A 45 -6.55 3.55 -2.63
CA ALA A 45 -7.54 4.63 -2.47
C ALA A 45 -8.09 5.02 -3.84
N ARG A 46 -7.20 5.19 -4.82
N ARG A 46 -7.21 5.17 -4.83
CA ARG A 46 -7.64 5.51 -6.18
CA ARG A 46 -7.65 5.51 -6.17
C ARG A 46 -8.53 4.42 -6.76
C ARG A 46 -8.54 4.43 -6.75
N ALA A 47 -8.18 3.17 -6.49
CA ALA A 47 -8.98 2.04 -6.99
C ALA A 47 -10.37 2.05 -6.36
N ALA A 48 -10.43 2.40 -5.07
CA ALA A 48 -11.73 2.49 -4.38
C ALA A 48 -12.60 3.61 -4.99
N VAL A 49 -11.98 4.76 -5.25
CA VAL A 49 -12.68 5.88 -5.85
C VAL A 49 -13.18 5.51 -7.24
N ALA A 50 -12.38 4.76 -7.98
CA ALA A 50 -12.79 4.30 -9.30
C ALA A 50 -13.99 3.36 -9.21
N GLY A 51 -14.16 2.70 -8.07
CA GLY A 51 -15.28 1.80 -7.88
C GLY A 51 -16.51 2.54 -7.39
N GLY A 52 -16.33 3.83 -7.08
CA GLY A 52 -17.46 4.67 -6.70
C GLY A 52 -17.37 5.28 -5.30
N ALA A 53 -16.35 4.91 -4.53
CA ALA A 53 -16.18 5.47 -3.19
C ALA A 53 -16.00 6.98 -3.24
N ARG A 54 -16.63 7.68 -2.31
CA ARG A 54 -16.52 9.14 -2.24
C ARG A 54 -15.97 9.59 -0.89
N LEU A 55 -15.95 8.66 0.06
CA LEU A 55 -15.50 8.93 1.43
C LEU A 55 -14.42 7.90 1.79
N LEU A 56 -13.28 8.37 2.30
CA LEU A 56 -12.16 7.48 2.66
C LEU A 56 -11.72 7.76 4.09
N GLU A 57 -11.22 6.73 4.77
CA GLU A 57 -10.76 6.91 6.15
C GLU A 57 -9.41 6.24 6.41
N PRO A 58 -8.32 6.99 6.23
CA PRO A 58 -7.03 6.49 6.73
C PRO A 58 -7.08 6.42 8.26
N ASN A 59 -6.49 5.41 8.86
CA ASN A 59 -6.46 5.35 10.32
C ASN A 59 -5.18 4.71 10.82
N HIS A 60 -4.83 4.99 12.07
CA HIS A 60 -3.56 4.54 12.62
C HIS A 60 -3.37 3.02 12.80
N PRO A 61 -4.43 2.28 13.23
CA PRO A 61 -4.19 0.82 13.27
C PRO A 61 -3.93 0.25 11.87
N ALA A 62 -4.66 0.70 10.85
CA ALA A 62 -4.39 0.23 9.49
C ALA A 62 -2.99 0.61 9.02
N VAL A 63 -2.53 1.82 9.35
CA VAL A 63 -1.18 2.20 8.96
C VAL A 63 -0.14 1.36 9.70
N ALA A 64 -0.42 1.04 10.97
CA ALA A 64 0.47 0.15 11.73
C ALA A 64 0.61 -1.18 10.98
N LEU A 65 -0.50 -1.70 10.47
CA LEU A 65 -0.45 -2.95 9.70
C LEU A 65 0.29 -2.78 8.39
N ALA A 66 0.02 -1.69 7.69
CA ALA A 66 0.70 -1.41 6.42
C ALA A 66 2.21 -1.32 6.60
N ARG A 67 2.64 -0.78 7.74
CA ARG A 67 4.08 -0.61 8.00
C ARG A 67 4.70 -1.78 8.73
N GLY A 68 3.93 -2.82 9.04
CA GLY A 68 4.48 -3.97 9.76
C GLY A 68 5.01 -3.56 11.12
N HIS A 69 4.37 -2.57 11.72
CA HIS A 69 4.87 -2.01 12.98
C HIS A 69 4.92 -3.08 14.07
N LYS A 70 6.12 -3.29 14.61
CA LYS A 70 6.34 -4.32 15.62
C LYS A 70 5.82 -5.69 15.16
N GLY A 71 5.75 -5.89 13.85
CA GLY A 71 5.39 -7.18 13.30
C GLY A 71 3.91 -7.53 13.39
N VAL A 72 3.04 -6.55 13.64
CA VAL A 72 1.62 -6.87 13.76
C VAL A 72 1.04 -7.35 12.44
N ILE A 73 0.23 -8.40 12.49
CA ILE A 73 -0.34 -8.99 11.28
C ILE A 73 -1.85 -9.14 11.33
N THR A 74 -2.47 -8.74 12.45
CA THR A 74 -3.93 -8.69 12.56
C THR A 74 -4.34 -7.29 12.99
N HIS A 76 -6.43 -6.70 15.17
CA HIS A 76 -6.54 -6.81 16.62
C HIS A 76 -5.23 -6.43 17.31
N ALA A 77 -4.13 -6.98 16.81
CA ALA A 77 -2.81 -6.65 17.33
C ALA A 77 -2.46 -5.20 16.99
N ALA A 78 -2.84 -4.77 15.78
CA ALA A 78 -2.56 -3.41 15.34
C ALA A 78 -3.24 -2.38 16.24
N GLU A 79 -4.44 -2.70 16.72
CA GLU A 79 -5.17 -1.76 17.57
C GLU A 79 -4.39 -1.51 18.87
N GLN A 80 -3.65 -2.53 19.31
N GLN A 80 -3.65 -2.53 19.31
CA GLN A 80 -2.92 -2.48 20.58
CA GLN A 80 -2.93 -2.46 20.58
C GLN A 80 -1.66 -1.62 20.52
C GLN A 80 -1.66 -1.64 20.53
N VAL A 81 -1.15 -1.39 19.31
CA VAL A 81 0.06 -0.59 19.16
C VAL A 81 -0.22 0.70 18.39
N ARG A 82 -1.50 0.97 18.12
CA ARG A 82 -1.86 2.08 17.23
C ARG A 82 -1.34 3.44 17.74
N HIS A 83 -1.28 3.59 19.06
CA HIS A 83 -0.84 4.86 19.66
C HIS A 83 0.66 5.08 19.48
N GLU A 84 1.36 4.09 18.92
CA GLU A 84 2.80 4.23 18.67
C GLU A 84 3.09 4.84 17.30
N ILE A 85 2.06 4.94 16.47
CA ILE A 85 2.19 5.54 15.14
C ILE A 85 2.20 7.07 15.34
N PRO A 86 3.26 7.76 14.87
CA PRO A 86 3.36 9.20 15.14
C PRO A 86 2.28 9.93 14.39
N LEU A 87 1.78 11.04 14.94
CA LEU A 87 0.81 11.85 14.22
C LEU A 87 1.37 12.22 12.83
N ASP A 88 2.67 12.53 12.77
N ASP A 88 2.67 12.51 12.78
CA ASP A 88 3.28 12.95 11.51
CA ASP A 88 3.30 12.94 11.53
C ASP A 88 3.08 11.93 10.38
C ASP A 88 3.09 11.94 10.40
N GLU A 89 3.10 10.65 10.73
CA GLU A 89 2.90 9.62 9.72
C GLU A 89 1.48 9.66 9.17
N LEU A 91 -0.37 12.39 9.08
CA LEU A 91 -0.42 13.60 8.26
C LEU A 91 0.14 13.33 6.87
N LYS A 92 1.23 12.58 6.80
CA LYS A 92 1.84 12.28 5.50
C LYS A 92 0.92 11.40 4.67
N VAL A 93 0.29 10.44 5.33
CA VAL A 93 -0.64 9.52 4.65
C VAL A 93 -1.84 10.28 4.13
N THR A 94 -2.42 11.13 4.99
CA THR A 94 -3.57 11.95 4.58
C THR A 94 -3.24 12.82 3.37
N GLN A 95 -2.13 13.56 3.44
CA GLN A 95 -1.74 14.41 2.35
C GLN A 95 -1.48 13.60 1.07
N GLY A 96 -0.88 12.42 1.21
CA GLY A 96 -0.59 11.61 0.04
C GLY A 96 -1.84 11.12 -0.67
N VAL A 97 -2.80 10.65 0.10
CA VAL A 97 -4.08 10.24 -0.46
C VAL A 97 -4.79 11.44 -1.07
N ARG A 98 -4.83 12.56 -0.34
CA ARG A 98 -5.40 13.80 -0.89
C ARG A 98 -4.77 14.16 -2.23
N ASN A 99 -3.46 14.02 -2.35
CA ASN A 99 -2.74 14.37 -3.59
C ASN A 99 -3.28 13.61 -4.80
N VAL A 100 -3.66 12.36 -4.60
CA VAL A 100 -4.06 11.53 -5.73
C VAL A 100 -5.57 11.50 -5.97
N VAL A 101 -6.38 11.67 -4.93
CA VAL A 101 -7.82 11.63 -5.15
C VAL A 101 -8.44 13.00 -5.47
N GLY A 102 -7.74 14.08 -5.15
CA GLY A 102 -8.22 15.42 -5.47
C GLY A 102 -9.19 15.98 -4.45
N GLU A 103 -9.72 17.17 -4.74
N GLU A 103 -9.72 17.17 -4.76
CA GLU A 103 -10.50 17.92 -3.75
CA GLU A 103 -10.52 17.99 -3.84
C GLU A 103 -11.94 17.46 -3.54
C GLU A 103 -11.91 17.43 -3.54
N ASP A 104 -12.47 16.67 -4.47
CA ASP A 104 -13.88 16.29 -4.38
C ASP A 104 -14.17 15.08 -3.47
N ILE A 105 -13.13 14.36 -3.10
CA ILE A 105 -13.32 13.16 -2.30
C ILE A 105 -13.23 13.54 -0.82
N TYR A 106 -14.03 12.88 0.02
CA TYR A 106 -14.05 13.20 1.45
C TYR A 106 -13.05 12.32 2.18
N ILE A 107 -12.22 12.90 3.06
CA ILE A 107 -11.24 12.12 3.81
C ILE A 107 -11.38 12.45 5.29
N THR A 108 -11.65 11.43 6.11
CA THR A 108 -11.62 11.63 7.56
C THR A 108 -10.54 10.73 8.14
N VAL A 109 -9.75 11.27 9.08
CA VAL A 109 -8.54 10.54 9.49
C VAL A 109 -8.61 10.09 10.94
N GLY A 110 -8.24 8.83 11.18
CA GLY A 110 -8.08 8.31 12.52
C GLY A 110 -6.64 8.55 12.91
N VAL A 111 -6.43 9.27 14.02
CA VAL A 111 -5.08 9.62 14.43
C VAL A 111 -4.84 9.20 15.87
N PRO A 112 -3.57 8.99 16.25
CA PRO A 112 -3.28 8.73 17.66
C PRO A 112 -3.80 9.87 18.55
N GLY A 113 -4.57 9.51 19.58
CA GLY A 113 -5.20 10.51 20.44
C GLY A 113 -6.62 10.84 20.01
N GLY A 114 -6.98 10.41 18.80
CA GLY A 114 -8.33 10.59 18.30
C GLY A 114 -9.25 9.45 18.74
N PHE A 115 -8.66 8.33 19.12
CA PHE A 115 -9.42 7.22 19.70
C PHE A 115 -9.16 7.24 21.21
N THR A 116 -9.75 6.30 21.93
CA THR A 116 -9.46 6.19 23.35
C THR A 116 -8.22 5.33 23.51
N GLU A 117 -7.07 5.98 23.68
CA GLU A 117 -5.79 5.25 23.70
C GLU A 117 -5.49 4.65 25.06
N ILE A 118 -4.67 3.60 25.07
CA ILE A 118 -4.38 2.87 26.30
C ILE A 118 -3.31 3.56 27.14
N LEU A 119 -2.68 4.58 26.56
CA LEU A 119 -1.78 5.46 27.28
C LEU A 119 -2.35 6.86 27.17
N PRO A 120 -2.08 7.73 28.15
CA PRO A 120 -2.58 9.11 28.11
C PRO A 120 -2.06 9.80 26.85
N LEU A 121 -2.95 10.13 25.93
CA LEU A 121 -2.57 10.72 24.67
C LEU A 121 -3.77 11.48 24.14
N GLU A 122 -3.68 12.81 24.14
CA GLU A 122 -4.76 13.67 23.64
C GLU A 122 -4.25 14.56 22.52
N LEU A 123 -5.14 14.95 21.62
CA LEU A 123 -4.79 15.91 20.59
C LEU A 123 -4.81 17.32 21.16
N LYS A 124 -3.77 18.09 20.87
CA LYS A 124 -3.69 19.48 21.29
C LYS A 124 -4.26 20.33 20.16
N GLU A 125 -4.53 21.60 20.44
CA GLU A 125 -5.02 22.51 19.42
C GLU A 125 -4.14 22.48 18.16
N GLU A 126 -2.83 22.54 18.34
N GLU A 126 -2.83 22.53 18.35
CA GLU A 126 -1.93 22.56 17.18
CA GLU A 126 -1.91 22.55 17.21
C GLU A 126 -2.01 21.29 16.34
C GLU A 126 -2.03 21.29 16.34
N ASP A 127 -2.42 20.17 16.94
CA ASP A 127 -2.57 18.93 16.19
C ASP A 127 -3.72 19.04 15.19
N PHE A 128 -4.80 19.69 15.60
CA PHE A 128 -5.92 19.89 14.70
C PHE A 128 -5.54 20.83 13.57
N PHE A 129 -4.75 21.84 13.88
CA PHE A 129 -4.20 22.70 12.85
C PHE A 129 -3.39 21.88 11.84
N LYS A 130 -2.50 21.01 12.34
CA LYS A 130 -1.70 20.16 11.45
C LYS A 130 -2.58 19.25 10.61
N ILE A 131 -3.61 18.68 11.22
CA ILE A 131 -4.51 17.79 10.49
C ILE A 131 -5.21 18.57 9.36
N ALA A 132 -5.67 19.78 9.65
CA ALA A 132 -6.30 20.58 8.60
C ALA A 132 -5.29 20.90 7.50
N SER A 134 -2.89 19.12 6.48
CA SER A 134 -2.51 17.91 5.73
C SER A 134 -3.57 17.50 4.69
N GLY A 135 -4.71 18.18 4.69
CA GLY A 135 -5.70 17.98 3.65
C GLY A 135 -6.92 17.17 4.06
N ALA A 136 -6.98 16.79 5.34
CA ALA A 136 -8.14 16.03 5.85
C ALA A 136 -9.38 16.90 5.82
N ASP A 137 -10.55 16.30 5.57
CA ASP A 137 -11.83 17.00 5.75
C ASP A 137 -12.33 16.84 7.18
N GLY A 138 -11.96 15.74 7.82
CA GLY A 138 -12.53 15.44 9.12
C GLY A 138 -11.62 14.59 9.97
N VAL A 139 -12.00 14.44 11.23
CA VAL A 139 -11.35 13.51 12.15
C VAL A 139 -12.37 12.45 12.57
N HIS A 140 -11.89 11.21 12.60
CA HIS A 140 -12.66 10.00 12.88
C HIS A 140 -12.41 9.71 14.33
N ILE A 141 -13.43 9.91 15.17
CA ILE A 141 -13.21 10.02 16.61
C ILE A 141 -13.92 8.93 17.40
N HIS A 142 -13.16 8.22 18.24
CA HIS A 142 -13.72 7.20 19.10
C HIS A 142 -13.40 7.51 20.58
N LYS A 143 -13.99 8.59 21.08
CA LYS A 143 -13.79 8.99 22.48
C LYS A 143 -14.94 8.48 23.33
N SER A 144 -14.70 8.34 24.63
CA SER A 144 -15.65 7.63 25.48
C SER A 144 -16.53 8.56 26.33
N THR A 145 -16.22 9.86 26.34
CA THR A 145 -17.02 10.80 27.12
C THR A 145 -17.47 11.99 26.30
N LEU A 146 -18.63 12.53 26.63
CA LEU A 146 -19.12 13.72 25.96
C LEU A 146 -18.15 14.88 26.18
N GLU A 147 -17.56 14.94 27.37
CA GLU A 147 -16.58 15.99 27.68
C GLU A 147 -15.41 15.95 26.70
N ASP A 148 -14.90 14.77 26.42
CA ASP A 148 -13.80 14.65 25.44
C ASP A 148 -14.23 15.10 24.05
N LEU A 149 -15.47 14.78 23.68
CA LEU A 149 -15.95 15.19 22.35
C LEU A 149 -16.01 16.71 22.24
N LYS A 150 -16.38 17.36 23.34
CA LYS A 150 -16.51 18.80 23.37
C LYS A 150 -15.20 19.49 22.98
N ASP A 151 -14.09 19.02 23.54
CA ASP A 151 -12.77 19.58 23.22
C ASP A 151 -12.35 19.26 21.79
N VAL A 152 -12.69 18.05 21.34
CA VAL A 152 -12.39 17.68 19.96
C VAL A 152 -13.15 18.55 18.98
N VAL A 153 -14.46 18.70 19.20
CA VAL A 153 -15.27 19.56 18.33
C VAL A 153 -14.77 21.02 18.34
N LYS A 154 -14.40 21.52 19.50
CA LYS A 154 -13.91 22.88 19.62
C LYS A 154 -12.73 23.14 18.67
N TYR A 155 -11.70 22.30 18.74
CA TYR A 155 -10.50 22.54 17.95
C TYR A 155 -10.68 22.14 16.50
N ALA A 156 -11.39 21.04 16.27
CA ALA A 156 -11.68 20.63 14.90
C ALA A 156 -12.42 21.73 14.15
N HIS A 157 -13.49 22.25 14.75
CA HIS A 157 -14.28 23.26 14.06
C HIS A 157 -13.50 24.56 13.86
N LYS A 158 -12.66 24.91 14.83
CA LYS A 158 -11.83 26.12 14.70
C LYS A 158 -11.03 26.09 13.41
N TYR A 159 -10.52 24.91 13.07
CA TYR A 159 -9.65 24.76 11.90
C TYR A 159 -10.37 24.16 10.67
N GLY A 160 -11.70 24.18 10.72
CA GLY A 160 -12.51 23.87 9.55
C GLY A 160 -12.69 22.38 9.28
N LEU A 161 -12.50 21.57 10.32
CA LEU A 161 -12.63 20.12 10.20
C LEU A 161 -13.97 19.63 10.72
N LEU A 162 -14.50 18.60 10.09
CA LEU A 162 -15.72 17.95 10.59
C LEU A 162 -15.35 16.81 11.53
N VAL A 163 -16.25 16.48 12.47
CA VAL A 163 -16.01 15.36 13.39
C VAL A 163 -17.05 14.27 13.13
N ASP A 164 -16.58 13.06 12.84
CA ASP A 164 -17.48 11.90 12.90
C ASP A 164 -17.15 11.11 14.15
N ALA A 165 -18.10 11.01 15.07
CA ALA A 165 -17.83 10.35 16.36
C ALA A 165 -18.87 9.27 16.63
N TYR A 166 -18.57 8.36 17.55
CA TYR A 166 -19.28 7.07 17.63
C TYR A 166 -19.91 6.79 18.97
N ILE A 167 -20.98 6.01 18.91
CA ILE A 167 -21.70 5.56 20.09
C ILE A 167 -21.38 4.08 20.24
N GLY A 168 -21.05 3.66 21.47
CA GLY A 168 -20.75 2.27 21.76
C GLY A 168 -21.70 1.71 22.82
N HIS A 169 -21.33 0.58 23.41
CA HIS A 169 -22.14 -0.10 24.40
C HIS A 169 -21.27 -0.27 25.65
N PRO A 170 -21.85 -0.15 26.85
CA PRO A 170 -21.03 -0.28 28.06
C PRO A 170 -20.36 -1.65 28.18
N ASP A 171 -20.90 -2.66 27.51
CA ASP A 171 -20.32 -4.01 27.59
C ASP A 171 -19.18 -4.28 26.60
N ASP A 172 -18.93 -3.35 25.68
CA ASP A 172 -17.81 -3.47 24.71
C ASP A 172 -16.49 -3.80 25.40
N LEU A 173 -15.76 -4.78 24.87
CA LEU A 173 -14.46 -5.16 25.43
C LEU A 173 -13.48 -4.00 25.33
N HIS A 174 -13.46 -3.35 24.18
CA HIS A 174 -12.67 -2.15 23.99
C HIS A 174 -13.57 -0.98 23.63
N THR A 175 -13.26 0.16 24.22
CA THR A 175 -14.08 1.35 24.12
C THR A 175 -13.91 2.01 22.76
N PHE A 176 -15.00 2.18 22.04
CA PHE A 176 -14.93 2.88 20.77
C PHE A 176 -15.94 4.02 20.67
N GLY A 177 -16.57 4.36 21.79
CA GLY A 177 -17.47 5.49 21.72
C GLY A 177 -18.21 5.81 23.00
N ILE A 178 -19.19 6.70 22.87
CA ILE A 178 -20.04 7.11 23.97
C ILE A 178 -20.92 5.94 24.38
N SER A 179 -20.90 5.59 25.65
CA SER A 179 -21.60 4.39 26.08
C SER A 179 -23.11 4.57 26.06
N ALA A 180 -23.81 3.68 25.37
CA ALA A 180 -25.27 3.69 25.39
C ALA A 180 -25.80 2.26 25.49
N ARG A 181 -26.57 1.98 26.53
CA ARG A 181 -26.99 0.60 26.77
C ARG A 181 -28.22 0.21 25.98
N THR A 182 -29.22 1.09 25.99
CA THR A 182 -30.53 0.83 25.39
C THR A 182 -30.67 1.64 24.10
N PRO A 183 -31.62 1.25 23.23
CA PRO A 183 -31.84 2.06 22.04
C PRO A 183 -32.25 3.48 22.41
N GLU A 184 -33.01 3.64 23.50
CA GLU A 184 -33.39 4.98 23.96
C GLU A 184 -32.14 5.80 24.32
N GLU A 185 -31.15 5.15 24.91
CA GLU A 185 -29.93 5.84 25.29
C GLU A 185 -29.08 6.15 24.06
N VAL A 186 -29.19 5.30 23.04
CA VAL A 186 -28.50 5.59 21.78
C VAL A 186 -29.03 6.90 21.20
N ALA A 187 -30.36 7.01 21.18
CA ALA A 187 -30.99 8.23 20.66
C ALA A 187 -30.62 9.44 21.51
N GLU A 188 -30.65 9.27 22.83
CA GLU A 188 -30.26 10.34 23.75
C GLU A 188 -28.80 10.78 23.53
N ALA A 189 -27.90 9.81 23.42
CA ALA A 189 -26.49 10.12 23.17
C ALA A 189 -26.34 10.86 21.86
N ALA A 190 -27.00 10.38 20.82
CA ALA A 190 -26.87 11.00 19.51
C ALA A 190 -27.35 12.47 19.57
N LYS A 191 -28.48 12.71 20.23
CA LYS A 191 -29.00 14.07 20.32
C LYS A 191 -28.03 14.98 21.06
N GLU A 192 -27.42 14.46 22.12
CA GLU A 192 -26.48 15.27 22.89
C GLU A 192 -25.22 15.58 22.06
N GLU A 194 -25.08 15.70 18.79
CA GLU A 194 -25.51 16.64 17.77
C GLU A 194 -25.54 18.07 18.35
N LYS A 195 -26.05 18.21 19.57
CA LYS A 195 -26.08 19.52 20.24
C LYS A 195 -24.67 20.08 20.47
N ILE A 196 -23.75 19.18 20.84
CA ILE A 196 -22.35 19.52 21.07
C ILE A 196 -21.70 20.05 19.78
N GLY A 197 -22.15 19.55 18.64
CA GLY A 197 -21.61 19.99 17.37
C GLY A 197 -20.98 18.86 16.56
N VAL A 198 -21.11 17.63 17.03
CA VAL A 198 -20.61 16.50 16.26
C VAL A 198 -21.33 16.48 14.91
N ASP A 199 -20.57 16.36 13.82
CA ASP A 199 -21.09 16.61 12.48
C ASP A 199 -21.73 15.38 11.87
N ILE A 201 -22.70 11.18 13.10
CA ILE A 201 -22.76 10.39 14.32
C ILE A 201 -22.96 8.95 13.96
N GLY A 202 -22.07 8.10 14.46
CA GLY A 202 -22.10 6.69 14.13
C GLY A 202 -22.36 5.78 15.31
N LEU A 203 -22.79 4.55 15.01
CA LEU A 203 -22.98 3.51 16.00
C LEU A 203 -22.00 2.39 15.72
N THR A 205 -21.27 -1.34 15.48
CA THR A 205 -22.24 -2.39 15.15
C THR A 205 -21.57 -3.74 14.99
N GLY A 206 -20.30 -3.84 15.39
CA GLY A 206 -19.62 -5.13 15.39
C GLY A 206 -20.08 -5.98 16.55
N ALA A 214 -28.27 -15.27 9.13
CA ALA A 214 -27.79 -15.23 7.75
C ALA A 214 -27.59 -13.80 7.27
N GLY A 215 -28.28 -13.43 6.20
CA GLY A 215 -28.17 -12.09 5.64
C GLY A 215 -28.83 -11.02 6.49
N GLU A 216 -29.07 -11.34 7.76
CA GLU A 216 -29.74 -10.44 8.68
C GLU A 216 -28.79 -9.80 9.69
N ILE A 217 -29.21 -8.67 10.23
CA ILE A 217 -28.52 -8.01 11.33
C ILE A 217 -29.10 -8.53 12.65
N HIS A 218 -28.27 -8.65 13.68
CA HIS A 218 -28.77 -9.06 15.00
C HIS A 218 -29.84 -8.06 15.46
N PRO A 219 -30.95 -8.56 16.01
CA PRO A 219 -32.10 -7.71 16.38
C PRO A 219 -31.70 -6.55 17.29
N VAL A 220 -30.79 -6.80 18.23
CA VAL A 220 -30.32 -5.75 19.13
C VAL A 220 -29.60 -4.65 18.36
N ILE A 221 -28.75 -5.05 17.42
CA ILE A 221 -28.05 -4.07 16.60
C ILE A 221 -29.05 -3.25 15.79
N LYS A 222 -30.04 -3.93 15.24
CA LYS A 222 -31.02 -3.28 14.38
C LYS A 222 -31.82 -2.21 15.13
N GLU A 223 -32.22 -2.53 16.37
CA GLU A 223 -32.95 -1.60 17.22
C GLU A 223 -32.12 -0.37 17.56
N ARG A 224 -30.84 -0.56 17.83
CA ARG A 224 -29.96 0.54 18.14
C ARG A 224 -29.76 1.43 16.92
N LEU A 225 -29.57 0.82 15.77
CA LEU A 225 -29.37 1.59 14.54
C LEU A 225 -30.64 2.40 14.19
N SER A 226 -31.80 1.77 14.33
CA SER A 226 -33.05 2.50 14.08
C SER A 226 -33.21 3.67 15.04
N ALA A 227 -32.83 3.49 16.30
CA ALA A 227 -32.89 4.58 17.27
C ALA A 227 -31.99 5.73 16.82
N LEU A 228 -30.76 5.41 16.43
CA LEU A 228 -29.84 6.43 15.96
C LEU A 228 -30.40 7.14 14.74
N VAL A 229 -30.85 6.36 13.76
CA VAL A 229 -31.26 6.91 12.47
C VAL A 229 -32.38 7.94 12.61
N SER A 230 -33.29 7.71 13.55
CA SER A 230 -34.44 8.61 13.68
C SER A 230 -34.25 9.70 14.76
N SER A 231 -33.08 9.72 15.38
CA SER A 231 -32.85 10.63 16.52
C SER A 231 -32.22 11.97 16.09
N VAL A 232 -31.49 12.00 14.98
CA VAL A 232 -30.74 13.19 14.61
C VAL A 232 -30.88 13.54 13.12
N LYS A 233 -30.54 14.79 12.79
CA LYS A 233 -30.64 15.29 11.43
C LYS A 233 -29.32 15.19 10.67
N VAL A 234 -28.21 15.04 11.39
CA VAL A 234 -26.89 14.97 10.76
C VAL A 234 -26.67 13.58 10.15
N PRO A 235 -25.72 13.43 9.20
CA PRO A 235 -25.49 12.11 8.61
C PRO A 235 -25.19 11.06 9.66
N THR A 236 -25.72 9.85 9.49
CA THR A 236 -25.51 8.77 10.45
C THR A 236 -24.63 7.68 9.84
N LEU A 237 -23.87 6.99 10.69
CA LEU A 237 -23.00 5.90 10.23
C LEU A 237 -23.19 4.64 11.03
N ALA A 238 -22.81 3.51 10.44
CA ALA A 238 -22.67 2.26 11.19
C ALA A 238 -21.25 1.77 10.96
N GLU A 239 -20.57 1.38 12.04
CA GLU A 239 -19.20 0.87 11.90
C GLU A 239 -19.04 -0.46 12.60
N GLY A 240 -18.60 -1.47 11.86
CA GLY A 240 -18.26 -2.74 12.46
C GLY A 240 -19.09 -3.89 11.92
N GLY A 241 -18.40 -4.96 11.52
CA GLY A 241 -19.06 -6.20 11.15
C GLY A 241 -19.85 -6.14 9.85
N ILE A 242 -19.64 -5.09 9.06
CA ILE A 242 -20.33 -4.97 7.79
C ILE A 242 -19.61 -5.75 6.69
N ASN A 243 -20.32 -6.64 6.02
CA ASN A 243 -19.73 -7.48 4.97
C ASN A 243 -20.74 -7.71 3.84
N ASP A 244 -20.38 -8.54 2.86
CA ASP A 244 -21.28 -8.71 1.72
C ASP A 244 -22.59 -9.45 2.07
N THR A 245 -22.61 -10.18 3.19
CA THR A 245 -23.81 -10.94 3.53
C THR A 245 -24.87 -10.07 4.21
N ASN A 246 -24.45 -8.98 4.86
CA ASN A 246 -25.40 -8.18 5.62
C ASN A 246 -25.51 -6.71 5.22
N TYR A 247 -24.74 -6.28 4.21
CA TYR A 247 -24.72 -4.85 3.91
C TYR A 247 -26.09 -4.30 3.45
N VAL A 248 -26.86 -5.10 2.72
CA VAL A 248 -28.21 -4.65 2.34
C VAL A 248 -29.09 -4.44 3.57
N ALA A 249 -29.00 -5.35 4.53
CA ALA A 249 -29.76 -5.24 5.76
C ALA A 249 -29.37 -3.94 6.50
N PHE A 250 -28.08 -3.63 6.51
CA PHE A 250 -27.63 -2.35 7.08
C PHE A 250 -28.23 -1.17 6.31
N LYS A 251 -28.14 -1.20 4.99
CA LYS A 251 -28.77 -0.15 4.15
C LYS A 251 -30.25 0.03 4.48
N ASP A 252 -30.96 -1.07 4.73
CA ASP A 252 -32.39 -0.99 4.96
C ASP A 252 -32.78 -0.26 6.25
N THR A 253 -31.83 -0.06 7.15
CA THR A 253 -32.13 0.68 8.38
C THR A 253 -32.21 2.17 8.09
N GLY A 254 -31.66 2.59 6.95
CA GLY A 254 -31.71 4.00 6.57
C GLY A 254 -30.50 4.78 7.04
N VAL A 255 -29.55 4.09 7.67
CA VAL A 255 -28.31 4.72 8.11
C VAL A 255 -27.61 5.24 6.85
N ASN A 256 -26.99 6.41 6.94
CA ASN A 256 -26.49 7.09 5.74
C ASN A 256 -25.19 6.56 5.20
N ILE A 257 -24.33 6.04 6.08
CA ILE A 257 -22.98 5.67 5.70
C ILE A 257 -22.60 4.37 6.37
N LEU A 258 -22.08 3.44 5.57
CA LEU A 258 -21.53 2.20 6.10
C LEU A 258 -20.02 2.26 6.09
N VAL A 259 -19.41 2.11 7.27
CA VAL A 259 -17.95 2.13 7.38
C VAL A 259 -17.46 0.71 7.12
N ILE A 260 -16.71 0.53 6.04
CA ILE A 260 -16.31 -0.80 5.62
C ILE A 260 -14.80 -0.87 5.44
N GLY A 261 -14.15 -1.72 6.22
CA GLY A 261 -12.72 -1.89 6.10
C GLY A 261 -12.31 -3.33 5.92
N THR A 262 -12.58 -4.13 6.94
CA THR A 262 -12.13 -5.52 6.97
C THR A 262 -12.54 -6.31 5.75
N SER A 263 -13.81 -6.19 5.36
N SER A 263 -13.81 -6.17 5.35
CA SER A 263 -14.31 -6.95 4.22
CA SER A 263 -14.34 -6.92 4.22
C SER A 263 -13.53 -6.62 2.95
C SER A 263 -13.58 -6.61 2.94
N ILE A 264 -13.26 -5.33 2.75
CA ILE A 264 -12.48 -4.91 1.59
C ILE A 264 -11.03 -5.36 1.70
N ASP A 265 -10.40 -5.16 2.86
CA ASP A 265 -9.05 -5.66 3.10
C ASP A 265 -8.91 -7.12 2.71
N ASN A 266 -9.88 -7.94 3.13
CA ASN A 266 -9.80 -9.38 2.87
C ASN A 266 -9.84 -9.70 1.39
N VAL A 267 -10.69 -8.99 0.66
CA VAL A 267 -10.84 -9.22 -0.78
C VAL A 267 -9.57 -8.80 -1.51
N VAL A 268 -9.05 -7.65 -1.11
CA VAL A 268 -7.81 -7.16 -1.71
C VAL A 268 -6.62 -8.10 -1.45
N SER A 269 -6.48 -8.58 -0.20
CA SER A 269 -5.42 -9.54 0.14
C SER A 269 -5.58 -10.84 -0.62
N GLU A 270 -6.80 -11.37 -0.64
N GLU A 270 -6.80 -11.35 -0.64
CA GLU A 270 -7.06 -12.63 -1.34
CA GLU A 270 -7.09 -12.62 -1.32
C GLU A 270 -6.72 -12.53 -2.82
C GLU A 270 -6.77 -12.52 -2.81
N ALA A 271 -6.98 -11.34 -3.39
CA ALA A 271 -6.69 -11.12 -4.80
C ALA A 271 -5.20 -11.21 -5.06
N ALA A 272 -4.39 -10.65 -4.16
CA ALA A 272 -2.94 -10.72 -4.27
C ALA A 272 -2.45 -12.15 -4.13
N THR A 273 -2.96 -12.85 -3.10
CA THR A 273 -2.62 -14.27 -2.91
C THR A 273 -2.96 -15.07 -4.18
N ASN A 274 -4.16 -14.85 -4.71
CA ASN A 274 -4.60 -15.65 -5.85
C ASN A 274 -3.84 -15.38 -7.13
N VAL A 275 -3.49 -14.13 -7.38
CA VAL A 275 -2.76 -13.81 -8.61
C VAL A 275 -1.35 -14.40 -8.56
N VAL A 276 -0.72 -14.37 -7.39
CA VAL A 276 0.62 -14.99 -7.24
C VAL A 276 0.52 -16.51 -7.41
N LYS A 277 -0.48 -17.11 -6.77
CA LYS A 277 -0.74 -18.53 -6.90
C LYS A 277 -0.98 -18.89 -8.36
N LYS A 278 -1.73 -18.02 -9.05
CA LYS A 278 -2.08 -18.26 -10.45
C LYS A 278 -0.83 -18.31 -11.33
N PHE A 279 0.04 -17.31 -11.17
CA PHE A 279 1.27 -17.26 -11.95
C PHE A 279 2.09 -18.54 -11.72
N LEU A 280 2.32 -18.88 -10.46
CA LEU A 280 3.12 -20.06 -10.12
C LEU A 280 2.52 -21.38 -10.60
N SER A 281 1.23 -21.39 -10.96
CA SER A 281 0.60 -22.61 -11.42
C SER A 281 0.35 -22.65 -12.93
N LEU A 282 0.70 -21.59 -13.65
CA LEU A 282 0.51 -21.59 -15.10
C LEU A 282 1.28 -22.72 -15.80
N LYS A 283 0.63 -23.38 -16.75
CA LYS A 283 1.27 -24.45 -17.51
C LYS A 283 1.16 -24.22 -19.01
N LYS A 284 2.09 -24.80 -19.75
CA LYS A 284 2.12 -24.67 -21.21
C LYS A 284 0.89 -25.33 -21.86
N GLY B 7 33.19 -14.99 7.81
CA GLY B 7 32.78 -13.86 8.63
C GLY B 7 31.26 -13.70 8.74
N ASP B 8 30.83 -12.56 9.30
CA ASP B 8 29.39 -12.30 9.45
C ASP B 8 28.69 -11.91 8.14
N SER B 9 29.29 -10.99 7.40
CA SER B 9 28.86 -10.71 6.03
C SER B 9 28.84 -11.97 5.18
N GLU B 10 29.86 -12.81 5.31
CA GLU B 10 29.93 -14.02 4.47
C GLU B 10 28.79 -14.98 4.76
N GLN B 11 28.56 -15.30 6.02
CA GLN B 11 27.48 -16.26 6.33
C GLN B 11 26.12 -15.68 5.94
N LYS B 12 25.95 -14.39 6.10
CA LYS B 12 24.72 -13.73 5.71
C LYS B 12 24.44 -13.90 4.21
N ARG B 13 25.41 -13.58 3.37
CA ARG B 13 25.24 -13.73 1.91
C ARG B 13 24.99 -15.18 1.49
N ARG B 14 25.62 -16.13 2.18
CA ARG B 14 25.41 -17.52 1.82
C ARG B 14 23.98 -17.96 2.13
N LYS B 15 23.48 -17.55 3.30
CA LYS B 15 22.09 -17.82 3.64
C LYS B 15 21.15 -17.16 2.64
N ALA B 16 21.46 -15.94 2.21
CA ALA B 16 20.60 -15.20 1.28
C ALA B 16 20.54 -15.87 -0.09
N LEU B 17 21.69 -16.31 -0.59
CA LEU B 17 21.67 -16.97 -1.90
C LEU B 17 20.88 -18.28 -1.84
N LYS B 18 20.99 -19.01 -0.72
CA LYS B 18 20.22 -20.25 -0.58
C LYS B 18 18.72 -19.97 -0.71
N LYS B 19 18.26 -18.83 -0.20
CA LYS B 19 16.83 -18.49 -0.32
C LYS B 19 16.44 -18.46 -1.80
N VAL B 20 17.30 -17.85 -2.61
CA VAL B 20 16.99 -17.66 -4.03
C VAL B 20 17.06 -19.01 -4.72
N LEU B 21 18.13 -19.76 -4.45
CA LEU B 21 18.29 -21.07 -5.08
C LEU B 21 17.16 -22.02 -4.69
N ASP B 22 16.74 -21.99 -3.41
CA ASP B 22 15.63 -22.85 -2.98
C ASP B 22 14.34 -22.50 -3.72
N ALA B 23 14.08 -21.21 -3.92
CA ALA B 23 12.85 -20.78 -4.57
C ALA B 23 12.85 -21.22 -6.03
N VAL B 24 13.99 -21.05 -6.69
CA VAL B 24 14.13 -21.45 -8.08
C VAL B 24 13.81 -22.95 -8.22
N GLU B 25 14.35 -23.75 -7.31
N GLU B 25 14.35 -23.75 -7.32
CA GLU B 25 14.11 -25.19 -7.32
CA GLU B 25 14.09 -25.20 -7.36
C GLU B 25 12.65 -25.53 -7.03
C GLU B 25 12.64 -25.53 -7.04
N GLU B 26 12.10 -24.90 -5.99
CA GLU B 26 10.71 -25.14 -5.56
C GLU B 26 9.76 -24.87 -6.72
N HIS B 27 10.08 -23.88 -7.54
CA HIS B 27 9.17 -23.45 -8.60
C HIS B 27 9.56 -23.98 -9.98
N GLY B 28 10.33 -25.06 -10.00
CA GLY B 28 10.57 -25.78 -11.24
C GLY B 28 11.55 -25.09 -12.17
N GLY B 29 12.41 -24.23 -11.61
CA GLY B 29 13.46 -23.61 -12.42
C GLY B 29 13.23 -22.14 -12.69
N THR B 30 12.00 -21.68 -12.46
CA THR B 30 11.69 -20.26 -12.63
C THR B 30 10.75 -19.81 -11.51
N THR B 31 11.19 -18.86 -10.70
CA THR B 31 10.34 -18.37 -9.61
C THR B 31 10.02 -16.90 -9.91
N ILE B 32 9.40 -16.20 -8.97
CA ILE B 32 8.98 -14.82 -9.19
C ILE B 32 9.65 -13.90 -8.19
N LEU B 33 10.07 -12.72 -8.65
CA LEU B 33 10.44 -11.64 -7.73
C LEU B 33 9.23 -10.73 -7.72
N SER B 34 8.47 -10.78 -6.63
CA SER B 34 7.16 -10.14 -6.57
C SER B 34 7.39 -8.71 -6.12
N THR B 35 6.85 -7.75 -6.85
CA THR B 35 7.15 -6.37 -6.52
C THR B 35 5.89 -5.54 -6.61
N GLY B 36 6.01 -4.25 -6.93
CA GLY B 36 4.85 -3.36 -6.83
C GLY B 36 4.34 -3.38 -5.41
N ILE B 37 3.01 -3.36 -5.26
CA ILE B 37 2.42 -3.30 -3.93
C ILE B 37 2.81 -4.48 -3.04
N THR B 38 3.11 -5.64 -3.63
CA THR B 38 3.49 -6.80 -2.80
C THR B 38 4.87 -6.57 -2.20
N GLY B 39 5.62 -5.62 -2.75
CA GLY B 39 6.93 -5.34 -2.22
C GLY B 39 6.97 -4.39 -1.03
N ASP B 40 6.06 -3.42 -0.94
CA ASP B 40 6.21 -2.36 0.06
C ASP B 40 5.12 -2.32 1.14
N ASP B 41 3.96 -2.90 0.86
CA ASP B 41 2.88 -2.88 1.84
C ASP B 41 2.92 -4.18 2.61
N ALA B 42 3.05 -4.10 3.94
CA ALA B 42 3.21 -5.32 4.73
C ALA B 42 1.99 -6.25 4.63
N ARG B 43 0.78 -5.68 4.50
CA ARG B 43 -0.41 -6.53 4.35
C ARG B 43 -0.35 -7.34 3.06
N ILE B 44 0.05 -6.70 1.98
CA ILE B 44 0.00 -7.33 0.67
C ILE B 44 1.25 -8.19 0.44
N ALA B 45 2.38 -7.82 1.08
CA ALA B 45 3.56 -8.70 1.09
C ALA B 45 3.20 -10.05 1.70
N ARG B 46 2.51 -10.02 2.84
CA ARG B 46 2.10 -11.26 3.49
C ARG B 46 1.19 -12.06 2.58
N ALA B 47 0.28 -11.37 1.89
CA ALA B 47 -0.66 -12.03 0.97
C ALA B 47 0.10 -12.70 -0.17
N ALA B 48 1.10 -12.01 -0.71
CA ALA B 48 1.91 -12.58 -1.79
C ALA B 48 2.65 -13.84 -1.32
N VAL B 49 3.24 -13.76 -0.14
CA VAL B 49 3.91 -14.92 0.42
C VAL B 49 2.93 -16.09 0.61
N ALA B 50 1.71 -15.78 1.02
CA ALA B 50 0.70 -16.82 1.19
C ALA B 50 0.36 -17.49 -0.15
N GLY B 51 0.55 -16.77 -1.25
CA GLY B 51 0.29 -17.35 -2.56
C GLY B 51 1.50 -18.07 -3.13
N GLY B 52 2.61 -18.04 -2.40
CA GLY B 52 3.77 -18.83 -2.79
C GLY B 52 5.01 -18.01 -3.09
N ALA B 53 4.89 -16.68 -3.07
CA ALA B 53 6.07 -15.85 -3.36
C ALA B 53 7.16 -16.07 -2.32
N ARG B 54 8.42 -16.13 -2.77
CA ARG B 54 9.56 -16.37 -1.88
C ARG B 54 10.54 -15.21 -1.92
N LEU B 55 10.40 -14.36 -2.93
CA LEU B 55 11.31 -13.22 -3.13
C LEU B 55 10.43 -11.99 -3.30
N LEU B 56 10.76 -10.91 -2.59
CA LEU B 56 9.98 -9.66 -2.64
C LEU B 56 10.91 -8.49 -2.93
N GLU B 57 10.38 -7.48 -3.61
CA GLU B 57 11.21 -6.32 -3.97
C GLU B 57 10.50 -5.00 -3.69
N PRO B 58 10.62 -4.47 -2.47
CA PRO B 58 10.16 -3.08 -2.29
C PRO B 58 11.03 -2.13 -3.11
N ASN B 59 10.44 -1.08 -3.68
CA ASN B 59 11.24 -0.15 -4.46
C ASN B 59 10.70 1.27 -4.36
N HIS B 60 11.54 2.25 -4.68
CA HIS B 60 11.18 3.64 -4.48
C HIS B 60 10.08 4.20 -5.40
N PRO B 61 10.03 3.78 -6.68
CA PRO B 61 8.90 4.28 -7.47
C PRO B 61 7.58 3.75 -6.93
N ALA B 62 7.54 2.48 -6.51
CA ALA B 62 6.27 1.94 -5.98
C ALA B 62 5.87 2.63 -4.70
N VAL B 63 6.85 2.91 -3.84
CA VAL B 63 6.56 3.65 -2.62
C VAL B 63 6.11 5.08 -2.93
N ALA B 64 6.68 5.71 -3.96
CA ALA B 64 6.18 7.04 -4.37
C ALA B 64 4.68 6.94 -4.70
N LEU B 65 4.29 5.88 -5.40
CA LEU B 65 2.89 5.68 -5.76
C LEU B 65 2.04 5.44 -4.52
N ALA B 66 2.56 4.62 -3.61
CA ALA B 66 1.83 4.29 -2.39
C ALA B 66 1.60 5.51 -1.53
N ARG B 67 2.58 6.43 -1.52
CA ARG B 67 2.48 7.62 -0.68
C ARG B 67 1.87 8.80 -1.41
N GLY B 68 1.47 8.57 -2.67
CA GLY B 68 0.89 9.64 -3.47
C GLY B 68 1.84 10.81 -3.63
N HIS B 69 3.14 10.50 -3.73
CA HIS B 69 4.14 11.56 -3.77
C HIS B 69 3.92 12.44 -4.99
N LYS B 70 3.80 13.75 -4.75
CA LYS B 70 3.53 14.71 -5.81
C LYS B 70 2.32 14.36 -6.66
N GLY B 71 1.41 13.58 -6.09
CA GLY B 71 0.18 13.20 -6.77
C GLY B 71 0.39 12.23 -7.91
N VAL B 72 1.51 11.51 -7.94
CA VAL B 72 1.73 10.56 -9.04
C VAL B 72 0.72 9.43 -9.03
N ILE B 73 0.17 9.12 -10.22
CA ILE B 73 -0.82 8.07 -10.30
C ILE B 73 -0.51 6.98 -11.32
N THR B 74 0.62 7.12 -12.03
CA THR B 74 1.09 6.06 -12.92
C THR B 74 2.52 5.69 -12.54
N HIS B 76 4.91 5.28 -14.54
CA HIS B 76 5.78 6.17 -15.33
C HIS B 76 6.03 7.50 -14.62
N ALA B 77 4.97 8.11 -14.09
CA ALA B 77 5.12 9.37 -13.37
C ALA B 77 5.92 9.13 -12.10
N ALA B 78 5.65 8.00 -11.45
CA ALA B 78 6.32 7.69 -10.19
C ALA B 78 7.82 7.50 -10.42
N GLU B 79 8.18 6.86 -11.53
N GLU B 79 8.18 6.88 -11.54
CA GLU B 79 9.60 6.70 -11.87
CA GLU B 79 9.61 6.71 -11.84
C GLU B 79 10.31 8.05 -11.94
C GLU B 79 10.31 8.06 -11.95
N GLN B 80 9.60 9.07 -12.42
CA GLN B 80 10.21 10.38 -12.63
C GLN B 80 10.46 11.13 -11.32
N VAL B 81 9.82 10.72 -10.23
CA VAL B 81 10.06 11.36 -8.94
C VAL B 81 10.68 10.42 -7.92
N ARG B 82 11.11 9.24 -8.37
CA ARG B 82 11.52 8.20 -7.42
C ARG B 82 12.69 8.63 -6.54
N HIS B 83 13.58 9.46 -7.08
CA HIS B 83 14.76 9.89 -6.34
C HIS B 83 14.41 10.89 -5.23
N GLU B 84 13.15 11.31 -5.18
CA GLU B 84 12.70 12.22 -4.12
C GLU B 84 12.25 11.46 -2.87
N ILE B 85 12.16 10.14 -2.96
CA ILE B 85 11.75 9.35 -1.79
C ILE B 85 12.98 9.17 -0.90
N PRO B 86 12.91 9.57 0.39
CA PRO B 86 14.14 9.52 1.19
C PRO B 86 14.58 8.07 1.45
N LEU B 87 15.89 7.84 1.58
CA LEU B 87 16.37 6.49 1.85
C LEU B 87 15.70 5.93 3.11
N ASP B 88 15.56 6.78 4.14
N ASP B 88 15.55 6.79 4.13
CA ASP B 88 14.97 6.36 5.41
CA ASP B 88 14.97 6.37 5.39
C ASP B 88 13.58 5.73 5.22
C ASP B 88 13.58 5.75 5.23
N GLU B 89 12.82 6.24 4.26
CA GLU B 89 11.50 5.67 3.99
C GLU B 89 11.63 4.24 3.48
N LEU B 91 14.11 2.24 4.15
CA LEU B 91 14.60 1.45 5.28
C LEU B 91 13.43 1.05 6.18
N LYS B 92 12.49 1.97 6.40
CA LYS B 92 11.31 1.67 7.22
C LYS B 92 10.42 0.64 6.52
N VAL B 93 10.25 0.79 5.22
CA VAL B 93 9.44 -0.16 4.46
C VAL B 93 10.08 -1.55 4.49
N THR B 94 11.39 -1.61 4.27
CA THR B 94 12.09 -2.88 4.24
C THR B 94 11.97 -3.57 5.59
N GLN B 95 12.21 -2.83 6.67
CA GLN B 95 12.13 -3.40 8.00
C GLN B 95 10.70 -3.86 8.32
N GLY B 96 9.71 -3.07 7.90
CA GLY B 96 8.33 -3.41 8.15
C GLY B 96 7.90 -4.69 7.47
N VAL B 97 8.28 -4.83 6.20
CA VAL B 97 8.02 -6.07 5.47
C VAL B 97 8.74 -7.26 6.11
N ARG B 98 10.04 -7.09 6.41
CA ARG B 98 10.80 -8.14 7.10
C ARG B 98 10.11 -8.56 8.41
N ASN B 99 9.61 -7.58 9.18
CA ASN B 99 8.96 -7.84 10.46
C ASN B 99 7.83 -8.85 10.30
N VAL B 100 7.11 -8.79 9.19
CA VAL B 100 5.91 -9.62 9.04
C VAL B 100 6.13 -10.89 8.22
N VAL B 101 7.12 -10.92 7.33
CA VAL B 101 7.33 -12.14 6.55
C VAL B 101 8.38 -13.06 7.15
N GLY B 102 9.16 -12.57 8.11
CA GLY B 102 10.12 -13.41 8.80
C GLY B 102 11.42 -13.61 8.03
N GLU B 103 12.32 -14.44 8.54
CA GLU B 103 13.68 -14.48 8.00
C GLU B 103 13.85 -15.31 6.74
N ASP B 104 12.88 -16.15 6.39
CA ASP B 104 13.10 -17.09 5.28
C ASP B 104 12.78 -16.49 3.93
N ILE B 105 12.04 -15.38 3.91
CA ILE B 105 11.70 -14.74 2.64
C ILE B 105 12.89 -13.89 2.18
N TYR B 106 13.12 -13.83 0.88
CA TYR B 106 14.19 -13.00 0.32
C TYR B 106 13.66 -11.61 0.00
N ILE B 107 14.35 -10.55 0.47
CA ILE B 107 13.94 -9.18 0.16
C ILE B 107 15.10 -8.42 -0.48
N THR B 108 14.89 -7.96 -1.71
CA THR B 108 15.88 -7.08 -2.33
C THR B 108 15.23 -5.71 -2.51
N VAL B 109 15.94 -4.66 -2.09
CA VAL B 109 15.32 -3.34 -2.08
C VAL B 109 15.86 -2.38 -3.15
N GLY B 110 14.95 -1.69 -3.84
CA GLY B 110 15.29 -0.58 -4.70
C GLY B 110 15.30 0.68 -3.88
N VAL B 111 16.45 1.36 -3.85
CA VAL B 111 16.58 2.58 -3.04
C VAL B 111 16.98 3.74 -3.93
N PRO B 112 16.64 4.97 -3.51
CA PRO B 112 17.11 6.15 -4.23
C PRO B 112 18.64 6.15 -4.28
N GLY B 113 19.18 6.23 -5.50
CA GLY B 113 20.63 6.17 -5.71
C GLY B 113 21.08 4.77 -6.13
N GLY B 114 20.16 3.80 -6.07
CA GLY B 114 20.42 2.42 -6.47
C GLY B 114 20.08 2.19 -7.94
N PHE B 115 19.25 3.06 -8.52
CA PHE B 115 18.96 2.99 -9.97
C PHE B 115 19.84 4.01 -10.65
N THR B 116 19.74 4.15 -11.97
CA THR B 116 20.40 5.27 -12.63
C THR B 116 19.41 6.44 -12.46
N GLU B 117 19.70 7.34 -11.52
CA GLU B 117 18.70 8.36 -11.17
C GLU B 117 18.82 9.53 -12.10
N ILE B 118 17.73 10.29 -12.24
CA ILE B 118 17.79 11.43 -13.12
C ILE B 118 18.44 12.63 -12.44
N LEU B 119 18.61 12.55 -11.13
CA LEU B 119 19.43 13.51 -10.39
C LEU B 119 20.52 12.70 -9.66
N PRO B 120 21.78 13.16 -9.73
CA PRO B 120 22.88 12.33 -9.23
C PRO B 120 22.96 12.22 -7.70
N LEU B 121 22.24 11.24 -7.14
CA LEU B 121 22.32 10.91 -5.72
C LEU B 121 23.41 9.88 -5.52
N GLU B 122 24.37 10.18 -4.67
CA GLU B 122 25.44 9.23 -4.41
C GLU B 122 25.15 8.44 -3.14
N LEU B 123 25.07 7.11 -3.27
CA LEU B 123 25.02 6.25 -2.10
C LEU B 123 26.39 6.23 -1.45
N LYS B 124 26.41 6.28 -0.12
CA LYS B 124 27.66 6.27 0.62
C LYS B 124 27.78 4.91 1.26
N GLU B 125 28.98 4.54 1.70
CA GLU B 125 29.18 3.26 2.38
C GLU B 125 28.17 3.09 3.53
N GLU B 126 28.01 4.17 4.29
N GLU B 126 28.00 4.15 4.31
CA GLU B 126 27.06 4.27 5.39
CA GLU B 126 27.07 4.14 5.44
C GLU B 126 25.69 3.72 5.02
C GLU B 126 25.65 3.72 5.04
N ASP B 127 25.26 4.02 3.81
CA ASP B 127 23.91 3.68 3.35
C ASP B 127 23.73 2.18 3.19
N PHE B 128 24.79 1.50 2.75
CA PHE B 128 24.72 0.06 2.59
C PHE B 128 24.66 -0.62 3.96
N PHE B 129 25.37 -0.06 4.93
CA PHE B 129 25.25 -0.53 6.31
C PHE B 129 23.80 -0.39 6.81
N LYS B 130 23.22 0.78 6.58
CA LYS B 130 21.82 1.02 6.95
C LYS B 130 20.84 0.06 6.27
N ILE B 131 21.04 -0.15 4.97
CA ILE B 131 20.20 -1.12 4.26
C ILE B 131 20.32 -2.53 4.87
N ALA B 132 21.53 -2.95 5.17
CA ALA B 132 21.71 -4.26 5.81
C ALA B 132 21.04 -4.28 7.18
N SER B 134 18.44 -2.74 8.04
CA SER B 134 16.99 -2.66 7.90
C SER B 134 16.38 -4.02 7.57
N GLY B 135 17.23 -5.01 7.29
CA GLY B 135 16.74 -6.36 7.11
C GLY B 135 16.71 -6.84 5.67
N ALA B 136 17.21 -6.03 4.74
CA ALA B 136 17.24 -6.45 3.34
C ALA B 136 18.25 -7.59 3.15
N ASP B 137 17.97 -8.49 2.20
CA ASP B 137 18.98 -9.49 1.79
C ASP B 137 19.82 -8.96 0.65
N GLY B 138 19.25 -8.05 -0.14
CA GLY B 138 19.95 -7.58 -1.32
C GLY B 138 19.54 -6.19 -1.73
N VAL B 139 20.25 -5.64 -2.72
CA VAL B 139 19.84 -4.40 -3.37
C VAL B 139 19.57 -4.67 -4.84
N HIS B 140 18.52 -4.02 -5.32
CA HIS B 140 17.98 -4.16 -6.66
C HIS B 140 18.55 -2.98 -7.44
N ILE B 141 19.45 -3.26 -8.37
CA ILE B 141 20.32 -2.21 -8.89
C ILE B 141 20.13 -2.00 -10.38
N HIS B 142 19.97 -0.75 -10.79
CA HIS B 142 19.78 -0.44 -12.22
C HIS B 142 20.81 0.57 -12.73
N LYS B 143 22.00 0.53 -12.13
CA LYS B 143 23.12 1.35 -12.57
C LYS B 143 23.52 1.00 -13.99
N SER B 144 24.12 1.97 -14.69
CA SER B 144 24.24 1.82 -16.13
C SER B 144 25.67 1.86 -16.63
N THR B 145 26.64 1.79 -15.71
CA THR B 145 28.04 1.58 -16.13
C THR B 145 28.63 0.46 -15.28
N LEU B 146 29.61 -0.25 -15.84
CA LEU B 146 30.27 -1.31 -15.09
C LEU B 146 31.04 -0.70 -13.92
N GLU B 147 31.59 0.50 -14.11
N GLU B 147 31.59 0.51 -14.09
CA GLU B 147 32.31 1.17 -13.03
CA GLU B 147 32.35 1.11 -13.01
C GLU B 147 31.41 1.39 -11.83
C GLU B 147 31.43 1.44 -11.82
N ASP B 148 30.20 1.86 -12.08
CA ASP B 148 29.24 2.11 -11.00
C ASP B 148 28.87 0.78 -10.33
N LEU B 149 28.70 -0.27 -11.12
CA LEU B 149 28.36 -1.59 -10.56
C LEU B 149 29.48 -2.11 -9.68
N LYS B 150 30.74 -1.89 -10.07
CA LYS B 150 31.86 -2.29 -9.21
C LYS B 150 31.79 -1.65 -7.83
N ASP B 151 31.44 -0.36 -7.78
CA ASP B 151 31.35 0.36 -6.52
C ASP B 151 30.21 -0.22 -5.67
N VAL B 152 29.08 -0.48 -6.30
CA VAL B 152 27.90 -1.02 -5.60
C VAL B 152 28.19 -2.41 -5.05
N VAL B 153 28.77 -3.24 -5.89
CA VAL B 153 29.12 -4.60 -5.47
C VAL B 153 30.06 -4.60 -4.28
N LYS B 154 31.05 -3.72 -4.30
CA LYS B 154 32.02 -3.68 -3.21
C LYS B 154 31.36 -3.37 -1.87
N TYR B 155 30.51 -2.36 -1.84
CA TYR B 155 29.87 -1.95 -0.59
C TYR B 155 28.78 -2.93 -0.17
N ALA B 156 27.99 -3.41 -1.13
CA ALA B 156 26.93 -4.38 -0.83
C ALA B 156 27.55 -5.61 -0.20
N HIS B 157 28.58 -6.17 -0.84
CA HIS B 157 29.21 -7.36 -0.30
C HIS B 157 29.85 -7.13 1.06
N LYS B 158 30.44 -5.95 1.26
CA LYS B 158 31.06 -5.62 2.54
C LYS B 158 30.03 -5.75 3.68
N TYR B 159 28.79 -5.36 3.40
CA TYR B 159 27.75 -5.37 4.44
C TYR B 159 26.79 -6.53 4.32
N GLY B 160 27.19 -7.56 3.59
CA GLY B 160 26.47 -8.83 3.60
C GLY B 160 25.22 -8.86 2.75
N LEU B 161 25.20 -8.01 1.71
CA LEU B 161 24.04 -7.90 0.81
C LEU B 161 24.36 -8.47 -0.55
N LEU B 162 23.39 -9.12 -1.18
CA LEU B 162 23.54 -9.55 -2.59
C LEU B 162 23.13 -8.45 -3.53
N VAL B 163 23.67 -8.49 -4.75
CA VAL B 163 23.26 -7.51 -5.77
C VAL B 163 22.56 -8.23 -6.91
N ASP B 164 21.33 -7.81 -7.24
CA ASP B 164 20.76 -8.17 -8.54
C ASP B 164 20.76 -6.93 -9.43
N ALA B 165 21.42 -7.03 -10.59
CA ALA B 165 21.59 -5.88 -11.47
C ALA B 165 21.25 -6.28 -12.89
N TYR B 166 21.04 -5.29 -13.74
CA TYR B 166 20.32 -5.49 -15.00
C TYR B 166 21.06 -5.01 -16.22
N ILE B 167 20.66 -5.58 -17.35
CA ILE B 167 21.15 -5.20 -18.68
C ILE B 167 19.99 -4.59 -19.43
N GLY B 168 20.24 -3.47 -20.10
CA GLY B 168 19.21 -2.82 -20.91
C GLY B 168 19.72 -2.60 -22.32
N HIS B 169 19.15 -1.60 -23.00
CA HIS B 169 19.47 -1.33 -24.39
C HIS B 169 19.92 0.13 -24.47
N PRO B 170 20.95 0.41 -25.29
CA PRO B 170 21.48 1.78 -25.33
C PRO B 170 20.48 2.82 -25.79
N ASP B 171 19.44 2.41 -26.51
CA ASP B 171 18.47 3.38 -27.01
C ASP B 171 17.26 3.53 -26.09
N ASP B 172 17.26 2.85 -24.95
CA ASP B 172 16.21 3.06 -23.96
C ASP B 172 16.16 4.53 -23.57
N LEU B 173 14.97 5.13 -23.54
CA LEU B 173 14.86 6.54 -23.21
C LEU B 173 15.33 6.80 -21.78
N HIS B 174 14.98 5.90 -20.87
CA HIS B 174 15.46 5.99 -19.49
C HIS B 174 16.24 4.72 -19.21
N THR B 175 17.55 4.85 -18.94
CA THR B 175 18.37 3.65 -18.84
C THR B 175 18.09 2.93 -17.53
N PHE B 176 18.03 1.60 -17.61
N PHE B 176 17.97 1.60 -17.61
CA PHE B 176 17.81 0.81 -16.40
CA PHE B 176 17.77 0.78 -16.42
C PHE B 176 18.87 -0.27 -16.25
C PHE B 176 18.88 -0.24 -16.22
N GLY B 177 20.01 -0.07 -16.90
CA GLY B 177 21.07 -1.04 -16.75
C GLY B 177 22.22 -0.90 -17.71
N ILE B 178 23.07 -1.93 -17.71
CA ILE B 178 24.24 -1.93 -18.59
C ILE B 178 23.74 -2.06 -20.03
N SER B 179 24.17 -1.17 -20.91
CA SER B 179 23.63 -1.16 -22.28
C SER B 179 24.17 -2.27 -23.14
N ALA B 180 23.27 -2.95 -23.86
CA ALA B 180 23.69 -4.00 -24.79
C ALA B 180 22.79 -3.87 -26.01
N ARG B 181 23.38 -3.62 -27.18
CA ARG B 181 22.58 -3.36 -28.38
C ARG B 181 22.15 -4.66 -29.07
N THR B 182 22.98 -5.70 -28.90
CA THR B 182 22.80 -6.94 -29.64
C THR B 182 22.85 -8.14 -28.69
N PRO B 183 22.35 -9.30 -29.12
CA PRO B 183 22.46 -10.48 -28.26
C PRO B 183 23.90 -10.80 -27.87
N GLU B 184 24.84 -10.65 -28.79
CA GLU B 184 26.25 -10.86 -28.46
C GLU B 184 26.66 -9.91 -27.32
N GLU B 185 26.21 -8.65 -27.38
CA GLU B 185 26.56 -7.68 -26.33
C GLU B 185 25.85 -7.97 -25.01
N VAL B 186 24.67 -8.56 -25.07
CA VAL B 186 24.00 -8.98 -23.83
C VAL B 186 24.85 -10.03 -23.11
N ALA B 187 25.27 -11.06 -23.85
CA ALA B 187 26.13 -12.10 -23.30
C ALA B 187 27.42 -11.52 -22.73
N GLU B 188 28.04 -10.63 -23.50
N GLU B 188 28.07 -10.63 -23.48
CA GLU B 188 29.28 -9.98 -23.09
CA GLU B 188 29.31 -10.03 -23.03
C GLU B 188 29.09 -9.23 -21.78
C GLU B 188 29.10 -9.21 -21.75
N ALA B 189 28.02 -8.43 -21.70
CA ALA B 189 27.74 -7.64 -20.51
C ALA B 189 27.47 -8.56 -19.31
N ALA B 190 26.66 -9.60 -19.52
CA ALA B 190 26.37 -10.53 -18.43
C ALA B 190 27.67 -11.15 -17.88
N LYS B 191 28.55 -11.57 -18.78
CA LYS B 191 29.78 -12.23 -18.33
C LYS B 191 30.67 -11.29 -17.53
N GLU B 192 30.71 -10.02 -17.96
N GLU B 192 30.71 -10.01 -17.95
CA GLU B 192 31.50 -9.00 -17.26
CA GLU B 192 31.51 -9.03 -17.25
C GLU B 192 30.91 -8.73 -15.90
C GLU B 192 30.91 -8.74 -15.89
N GLU B 194 29.12 -10.81 -14.12
CA GLU B 194 29.41 -11.97 -13.29
C GLU B 194 30.83 -11.91 -12.75
N LYS B 195 31.78 -11.57 -13.61
CA LYS B 195 33.17 -11.46 -13.17
C LYS B 195 33.36 -10.40 -12.07
N ILE B 196 32.60 -9.31 -12.18
N ILE B 196 32.64 -9.29 -12.13
CA ILE B 196 32.62 -8.20 -11.22
CA ILE B 196 32.85 -8.29 -11.08
C ILE B 196 32.10 -8.66 -9.85
C ILE B 196 32.06 -8.62 -9.81
N GLY B 197 31.22 -9.65 -9.87
CA GLY B 197 30.66 -10.22 -8.66
C GLY B 197 29.19 -9.97 -8.44
N VAL B 198 28.49 -9.49 -9.48
CA VAL B 198 27.05 -9.35 -9.39
C VAL B 198 26.41 -10.72 -9.13
N ASP B 199 25.53 -10.80 -8.14
CA ASP B 199 25.06 -12.11 -7.65
C ASP B 199 23.96 -12.72 -8.48
N ILE B 201 21.77 -11.68 -12.32
CA ILE B 201 21.84 -10.77 -13.46
C ILE B 201 20.58 -10.86 -14.29
N GLY B 202 19.96 -9.72 -14.54
CA GLY B 202 18.72 -9.71 -15.29
C GLY B 202 18.76 -8.87 -16.56
N LEU B 203 17.69 -8.98 -17.35
CA LEU B 203 17.58 -8.29 -18.63
C LEU B 203 16.27 -7.56 -18.60
N THR B 205 12.98 -6.51 -20.16
CA THR B 205 12.22 -7.22 -21.19
C THR B 205 10.84 -6.61 -21.44
N GLY B 206 10.68 -5.36 -21.02
CA GLY B 206 9.36 -4.73 -21.04
C GLY B 206 8.91 -4.00 -22.29
N SER B 208 7.25 -3.18 -25.62
CA SER B 208 6.11 -3.69 -26.35
C SER B 208 6.36 -3.55 -27.85
N TYR B 209 6.36 -4.68 -28.54
CA TYR B 209 6.59 -4.71 -29.97
C TYR B 209 5.30 -4.90 -30.71
N GLU B 210 5.15 -4.19 -31.82
CA GLU B 210 4.06 -4.42 -32.76
C GLU B 210 4.18 -5.82 -33.35
N GLY B 211 3.05 -6.51 -33.47
CA GLY B 211 3.01 -7.78 -34.16
C GLY B 211 3.41 -8.99 -33.34
N THR B 212 3.54 -8.82 -32.03
CA THR B 212 3.87 -9.95 -31.17
C THR B 212 2.70 -10.92 -31.15
N ALA B 213 2.97 -12.18 -31.47
CA ALA B 213 1.92 -13.20 -31.46
C ALA B 213 1.33 -13.36 -30.06
N ALA B 214 0.00 -13.55 -29.99
CA ALA B 214 -0.66 -13.72 -28.70
C ALA B 214 -0.06 -14.87 -27.90
N GLY B 215 0.24 -14.61 -26.64
CA GLY B 215 0.79 -15.64 -25.76
C GLY B 215 2.29 -15.79 -25.86
N GLU B 216 2.91 -15.08 -26.80
N GLU B 216 2.91 -14.96 -26.69
CA GLU B 216 4.35 -15.20 -26.99
CA GLU B 216 4.34 -15.03 -26.96
C GLU B 216 5.08 -13.96 -26.51
C GLU B 216 5.15 -13.86 -26.41
N ILE B 217 6.41 -14.05 -26.40
N ILE B 217 6.46 -14.02 -26.41
CA ILE B 217 7.24 -12.86 -26.27
CA ILE B 217 7.39 -12.92 -26.25
C ILE B 217 7.85 -12.54 -27.64
C ILE B 217 7.83 -12.54 -27.66
N HIS B 218 8.16 -11.27 -27.89
CA HIS B 218 8.64 -10.90 -29.20
C HIS B 218 10.00 -11.56 -29.46
N PRO B 219 10.23 -12.03 -30.69
CA PRO B 219 11.51 -12.68 -31.01
C PRO B 219 12.75 -11.87 -30.63
N VAL B 220 12.70 -10.54 -30.71
CA VAL B 220 13.85 -9.74 -30.30
C VAL B 220 14.19 -9.97 -28.83
N ILE B 221 13.17 -9.91 -27.98
CA ILE B 221 13.36 -10.15 -26.55
C ILE B 221 13.78 -11.57 -26.25
N LYS B 222 13.12 -12.52 -26.90
CA LYS B 222 13.43 -13.92 -26.63
C LYS B 222 14.92 -14.20 -26.92
N GLU B 223 15.43 -13.65 -28.01
CA GLU B 223 16.82 -13.91 -28.39
C GLU B 223 17.76 -13.21 -27.40
N ARG B 224 17.41 -12.00 -26.97
CA ARG B 224 18.24 -11.33 -25.96
C ARG B 224 18.24 -12.10 -24.64
N LEU B 225 17.07 -12.59 -24.24
CA LEU B 225 16.99 -13.40 -23.03
C LEU B 225 17.80 -14.69 -23.12
N SER B 226 17.69 -15.37 -24.26
N SER B 226 17.71 -15.37 -24.25
CA SER B 226 18.48 -16.57 -24.50
CA SER B 226 18.49 -16.59 -24.43
C SER B 226 19.96 -16.31 -24.32
C SER B 226 19.98 -16.32 -24.34
N ALA B 227 20.43 -15.16 -24.83
CA ALA B 227 21.83 -14.79 -24.71
C ALA B 227 22.23 -14.63 -23.24
N LEU B 228 21.37 -13.99 -22.44
CA LEU B 228 21.63 -13.87 -21.00
C LEU B 228 21.63 -15.24 -20.34
N VAL B 229 20.55 -15.99 -20.59
CA VAL B 229 20.35 -17.25 -19.89
C VAL B 229 21.52 -18.22 -20.07
N SER B 230 22.09 -18.27 -21.26
N SER B 230 22.08 -18.22 -21.28
CA SER B 230 23.12 -19.25 -21.56
CA SER B 230 23.14 -19.16 -21.62
C SER B 230 24.55 -18.74 -21.33
C SER B 230 24.55 -18.67 -21.27
N SER B 231 24.69 -17.51 -20.83
N SER B 231 24.70 -17.44 -20.83
CA SER B 231 26.01 -16.87 -20.73
CA SER B 231 26.04 -16.86 -20.71
C SER B 231 26.66 -16.91 -19.35
C SER B 231 26.67 -16.94 -19.33
N VAL B 232 25.85 -17.07 -18.30
CA VAL B 232 26.36 -17.00 -16.93
C VAL B 232 25.85 -18.15 -16.06
N LYS B 233 26.51 -18.36 -14.92
CA LYS B 233 26.11 -19.42 -14.01
C LYS B 233 25.26 -18.92 -12.85
N VAL B 234 25.28 -17.62 -12.59
CA VAL B 234 24.47 -17.06 -11.52
C VAL B 234 23.00 -17.08 -11.93
N PRO B 235 22.09 -16.95 -10.94
CA PRO B 235 20.66 -16.88 -11.30
C PRO B 235 20.37 -15.68 -12.22
N THR B 236 19.49 -15.91 -13.19
CA THR B 236 19.15 -14.90 -14.18
C THR B 236 17.71 -14.43 -13.99
N LEU B 237 17.45 -13.17 -14.38
CA LEU B 237 16.12 -12.57 -14.23
C LEU B 237 15.66 -11.92 -15.53
N ALA B 238 14.33 -11.80 -15.68
CA ALA B 238 13.73 -10.94 -16.68
C ALA B 238 12.85 -9.96 -15.93
N GLU B 239 13.02 -8.68 -16.23
CA GLU B 239 12.17 -7.66 -15.62
C GLU B 239 11.44 -6.83 -16.68
N GLY B 240 10.11 -6.80 -16.62
CA GLY B 240 9.36 -5.87 -17.43
C GLY B 240 8.47 -6.62 -18.41
N GLY B 241 7.23 -6.16 -18.51
CA GLY B 241 6.32 -6.65 -19.54
C GLY B 241 5.78 -8.05 -19.34
N ILE B 242 5.93 -8.61 -18.12
CA ILE B 242 5.46 -9.96 -17.85
C ILE B 242 4.02 -9.97 -17.31
N ASN B 243 3.15 -10.72 -17.98
CA ASN B 243 1.75 -10.77 -17.58
C ASN B 243 1.23 -12.19 -17.74
N ASP B 244 -0.04 -12.45 -17.47
CA ASP B 244 -0.43 -13.86 -17.46
C ASP B 244 -0.53 -14.47 -18.86
N THR B 245 -0.58 -13.63 -19.89
CA THR B 245 -0.62 -14.16 -21.26
C THR B 245 0.75 -14.63 -21.75
N ASN B 246 1.83 -14.06 -21.19
CA ASN B 246 3.16 -14.42 -21.68
C ASN B 246 4.10 -15.03 -20.65
N TYR B 247 3.58 -15.26 -19.45
CA TYR B 247 4.40 -15.80 -18.34
C TYR B 247 5.06 -17.12 -18.74
N VAL B 248 4.28 -18.02 -19.32
CA VAL B 248 4.82 -19.31 -19.72
C VAL B 248 5.89 -19.17 -20.83
N ALA B 249 5.64 -18.27 -21.78
CA ALA B 249 6.64 -17.97 -22.82
C ALA B 249 7.96 -17.47 -22.23
N PHE B 250 7.86 -16.63 -21.20
CA PHE B 250 9.07 -16.20 -20.49
C PHE B 250 9.75 -17.37 -19.79
N LYS B 251 8.96 -18.17 -19.10
CA LYS B 251 9.49 -19.32 -18.39
C LYS B 251 10.16 -20.31 -19.35
N ASP B 252 9.63 -20.43 -20.57
CA ASP B 252 10.18 -21.36 -21.58
C ASP B 252 11.62 -21.03 -21.96
N THR B 253 12.04 -19.79 -21.69
CA THR B 253 13.41 -19.40 -22.04
C THR B 253 14.43 -19.95 -21.02
N GLY B 254 13.95 -20.43 -19.87
CA GLY B 254 14.86 -20.95 -18.85
C GLY B 254 15.38 -19.90 -17.87
N VAL B 255 14.98 -18.64 -18.05
CA VAL B 255 15.40 -17.59 -17.10
C VAL B 255 14.91 -17.99 -15.70
N ASN B 256 15.67 -17.67 -14.65
CA ASN B 256 15.35 -18.25 -13.34
C ASN B 256 14.34 -17.46 -12.52
N ILE B 257 14.24 -16.16 -12.77
CA ILE B 257 13.39 -15.31 -11.92
C ILE B 257 12.64 -14.32 -12.81
N LEU B 258 11.33 -14.27 -12.64
CA LEU B 258 10.53 -13.30 -13.40
C LEU B 258 10.14 -12.18 -12.45
N VAL B 259 10.51 -10.95 -12.78
CA VAL B 259 10.21 -9.83 -11.88
C VAL B 259 8.85 -9.29 -12.30
N ILE B 260 7.88 -9.38 -11.40
CA ILE B 260 6.50 -9.06 -11.74
C ILE B 260 5.92 -8.07 -10.77
N GLY B 261 5.51 -6.91 -11.28
CA GLY B 261 4.93 -5.90 -10.43
C GLY B 261 3.64 -5.38 -11.04
N THR B 262 3.75 -4.77 -12.20
CA THR B 262 2.60 -4.09 -12.82
C THR B 262 1.38 -5.00 -12.95
N SER B 263 1.60 -6.21 -13.45
N SER B 263 1.61 -6.20 -13.44
CA SER B 263 0.50 -7.15 -13.66
CA SER B 263 0.54 -7.18 -13.66
C SER B 263 -0.20 -7.46 -12.35
C SER B 263 -0.18 -7.51 -12.37
N ILE B 264 0.58 -7.62 -11.29
CA ILE B 264 0.01 -7.88 -9.98
C ILE B 264 -0.72 -6.64 -9.42
N ASP B 265 -0.07 -5.48 -9.50
CA ASP B 265 -0.71 -4.20 -9.13
C ASP B 265 -2.07 -4.05 -9.78
N ASN B 266 -2.14 -4.36 -11.07
CA ASN B 266 -3.38 -4.21 -11.83
C ASN B 266 -4.48 -5.09 -11.28
N VAL B 267 -4.15 -6.32 -10.99
CA VAL B 267 -5.15 -7.26 -10.47
C VAL B 267 -5.61 -6.87 -9.06
N VAL B 268 -4.67 -6.45 -8.22
CA VAL B 268 -5.01 -6.06 -6.85
C VAL B 268 -5.88 -4.79 -6.85
N SER B 269 -5.55 -3.83 -7.72
N SER B 269 -5.50 -3.83 -7.70
CA SER B 269 -6.36 -2.62 -7.82
CA SER B 269 -6.25 -2.57 -7.85
C SER B 269 -7.75 -2.92 -8.33
C SER B 269 -7.67 -2.85 -8.34
N GLU B 270 -7.83 -3.72 -9.40
N GLU B 270 -7.79 -3.70 -9.35
CA GLU B 270 -9.12 -4.09 -9.98
CA GLU B 270 -9.10 -4.02 -9.92
C GLU B 270 -10.01 -4.77 -8.93
C GLU B 270 -10.00 -4.73 -8.90
N ALA B 271 -9.40 -5.56 -8.05
CA ALA B 271 -10.16 -6.28 -7.03
C ALA B 271 -10.79 -5.29 -6.06
N ALA B 272 -10.02 -4.26 -5.71
CA ALA B 272 -10.51 -3.20 -4.83
C ALA B 272 -11.63 -2.42 -5.51
N THR B 273 -11.42 -2.03 -6.76
CA THR B 273 -12.46 -1.33 -7.50
C THR B 273 -13.75 -2.14 -7.53
N ASN B 274 -13.62 -3.43 -7.83
CA ASN B 274 -14.80 -4.28 -8.02
C ASN B 274 -15.57 -4.54 -6.74
N VAL B 275 -14.87 -4.63 -5.61
CA VAL B 275 -15.59 -4.91 -4.36
C VAL B 275 -16.35 -3.66 -3.90
N VAL B 276 -15.77 -2.49 -4.12
CA VAL B 276 -16.44 -1.25 -3.80
C VAL B 276 -17.65 -1.09 -4.70
N LYS B 277 -17.45 -1.33 -6.00
CA LYS B 277 -18.56 -1.31 -6.96
C LYS B 277 -19.69 -2.24 -6.51
N LYS B 278 -19.34 -3.43 -6.01
CA LYS B 278 -20.34 -4.37 -5.52
C LYS B 278 -21.10 -3.83 -4.30
N PHE B 279 -20.38 -3.29 -3.33
CA PHE B 279 -21.01 -2.79 -2.12
C PHE B 279 -21.96 -1.63 -2.43
N LEU B 280 -21.60 -0.83 -3.44
CA LEU B 280 -22.41 0.33 -3.82
C LEU B 280 -23.61 0.01 -4.70
N SER B 281 -23.60 -1.15 -5.37
CA SER B 281 -24.69 -1.53 -6.25
C SER B 281 -25.74 -2.37 -5.52
#